data_5UCP
#
_entry.id   5UCP
#
_cell.length_a   39.476
_cell.length_b   64.633
_cell.length_c   62.845
_cell.angle_alpha   82.15
_cell.angle_beta   74.39
_cell.angle_gamma   75.78
#
_symmetry.space_group_name_H-M   'P 1'
#
loop_
_entity.id
_entity.type
_entity.pdbx_description
1 polymer 'Fructose-bisphosphate aldolase'
2 non-polymer 'SODIUM ION'
3 non-polymer 'ZINC ION'
4 non-polymer 1,6-di-O-phosphono-D-fructose
5 non-polymer 1,3-DIHYDROXYACETONEPHOSPHATE
6 non-polymer GLYCERALDEHYDE-3-PHOSPHATE
7 water water
#
_entity_poly.entity_id   1
_entity_poly.type   'polypeptide(L)'
_entity_poly.pdbx_seq_one_letter_code
;MLVKGNEILLKAHKEGYGVGAFNFVNFEMLNAIFEAGNEENSPLFIQASEGAIKYMGIDMAVGMVKIMCERYPHIPVALH
LDHGTTFESCEKAVKAGFTSVMIDASHHAFEENLELTSKVVKMAHNAGVSVEAELGRLMGIADNISVDEKDAVLVNPKEA
EQFVKESQVDYLAPAIGTSHGAFKFKGEPKLDFERLQEVKRLTNIPLVLHGASAIPDNVRKSYLDAGGDLKGSKGVPFEF
LQESVKGGINKVNTDTDLRIAFIAEVRKVANEDKSQFDLRKFFSPAQLALKNVVKERMKLLGSANKI
;
_entity_poly.pdbx_strand_id   A,B
#
loop_
_chem_comp.id
_chem_comp.type
_chem_comp.name
_chem_comp.formula
13P non-polymer 1,3-DIHYDROXYACETONEPHOSPHATE 'C3 H7 O6 P'
G3H non-polymer GLYCERALDEHYDE-3-PHOSPHATE 'C3 H7 O6 P'
NA non-polymer 'SODIUM ION' 'Na 1'
P6F non-polymer 1,6-di-O-phosphono-D-fructose 'C6 H14 O12 P2'
ZN non-polymer 'ZINC ION' 'Zn 2'
#
# COMPACT_ATOMS: atom_id res chain seq x y z
N MET A 1 6.32 -12.30 -16.00
CA MET A 1 7.46 -12.13 -15.05
C MET A 1 8.16 -10.81 -15.33
N LEU A 2 9.06 -10.42 -14.43
CA LEU A 2 9.77 -9.14 -14.50
C LEU A 2 10.92 -9.21 -15.51
N VAL A 3 10.91 -8.32 -16.50
CA VAL A 3 11.81 -8.40 -17.64
C VAL A 3 12.38 -7.02 -17.97
N LYS A 4 13.49 -7.04 -18.71
CA LYS A 4 14.08 -5.81 -19.22
C LYS A 4 13.05 -5.01 -20.00
N GLY A 5 13.08 -3.68 -19.82
CA GLY A 5 12.12 -2.84 -20.51
C GLY A 5 12.13 -3.02 -22.01
N ASN A 6 13.33 -3.17 -22.59
CA ASN A 6 13.44 -3.27 -24.03
C ASN A 6 12.76 -4.52 -24.58
N GLU A 7 12.66 -5.58 -23.77
CA GLU A 7 11.98 -6.79 -24.23
C GLU A 7 10.53 -6.47 -24.60
N ILE A 8 9.85 -5.72 -23.75
CA ILE A 8 8.47 -5.33 -24.00
C ILE A 8 8.40 -4.30 -25.13
N LEU A 9 9.29 -3.31 -25.10
CA LEU A 9 9.16 -2.23 -26.07
C LEU A 9 9.67 -2.61 -27.46
N LEU A 10 10.62 -3.54 -27.57
CA LEU A 10 11.03 -3.96 -28.91
C LEU A 10 9.87 -4.62 -29.64
N LYS A 11 9.06 -5.39 -28.91
CA LYS A 11 7.90 -6.02 -29.54
C LYS A 11 6.90 -4.98 -29.98
N ALA A 12 6.62 -4.00 -29.12
CA ALA A 12 5.68 -2.94 -29.46
C ALA A 12 6.18 -2.15 -30.66
N HIS A 13 7.48 -1.87 -30.69
CA HIS A 13 8.11 -1.20 -31.82
C HIS A 13 7.92 -1.98 -33.12
N LYS A 14 8.26 -3.29 -33.10
CA LYS A 14 8.18 -4.09 -34.32
C LYS A 14 6.75 -4.25 -34.80
N GLU A 15 5.79 -4.33 -33.89
CA GLU A 15 4.41 -4.62 -34.25
C GLU A 15 3.53 -3.37 -34.31
N GLY A 16 4.07 -2.22 -33.95
CA GLY A 16 3.36 -0.95 -34.08
C GLY A 16 2.24 -0.69 -33.10
N TYR A 17 2.43 -1.02 -31.82
CA TYR A 17 1.43 -0.69 -30.81
C TYR A 17 2.10 0.05 -29.67
N GLY A 18 1.28 0.62 -28.81
CA GLY A 18 1.75 1.36 -27.64
C GLY A 18 1.46 0.60 -26.36
N VAL A 19 2.41 0.68 -25.43
CA VAL A 19 2.29 0.09 -24.10
C VAL A 19 2.19 1.23 -23.10
N GLY A 20 1.09 1.29 -22.38
CA GLY A 20 0.98 2.28 -21.33
C GLY A 20 2.01 2.02 -20.24
N ALA A 21 2.59 3.10 -19.74
CA ALA A 21 3.55 3.05 -18.65
C ALA A 21 2.90 3.76 -17.47
N PHE A 22 2.51 2.99 -16.47
CA PHE A 22 1.57 3.46 -15.45
C PHE A 22 2.31 3.69 -14.15
N ASN A 23 2.20 4.90 -13.62
CA ASN A 23 2.87 5.24 -12.37
C ASN A 23 2.07 4.69 -11.19
N PHE A 24 2.80 4.37 -10.12
CA PHE A 24 2.17 3.99 -8.87
C PHE A 24 2.93 4.62 -7.71
N VAL A 25 2.21 4.81 -6.60
CA VAL A 25 2.81 5.30 -5.35
C VAL A 25 2.51 4.41 -4.15
N ASN A 26 1.67 3.40 -4.30
CA ASN A 26 1.32 2.53 -3.18
C ASN A 26 0.71 1.24 -3.69
N PHE A 27 0.24 0.41 -2.76
CA PHE A 27 -0.32 -0.89 -3.09
C PHE A 27 -1.57 -0.76 -3.95
N GLU A 28 -2.49 0.14 -3.58
CA GLU A 28 -3.77 0.21 -4.26
C GLU A 28 -3.61 0.51 -5.75
N MET A 29 -2.76 1.48 -6.07
CA MET A 29 -2.51 1.78 -7.49
C MET A 29 -1.93 0.57 -8.20
N LEU A 30 -0.93 -0.06 -7.58
CA LEU A 30 -0.24 -1.18 -8.20
C LEU A 30 -1.18 -2.34 -8.44
N ASN A 31 -2.01 -2.68 -7.45
CA ASN A 31 -2.94 -3.79 -7.62
C ASN A 31 -3.89 -3.55 -8.77
N ALA A 32 -4.43 -2.33 -8.88
CA ALA A 32 -5.38 -2.02 -9.93
C ALA A 32 -4.74 -2.09 -11.31
N ILE A 33 -3.50 -1.60 -11.44
CA ILE A 33 -2.79 -1.70 -12.72
C ILE A 33 -2.60 -3.16 -13.12
N PHE A 34 -2.19 -4.01 -12.18
CA PHE A 34 -1.96 -5.41 -12.51
C PHE A 34 -3.26 -6.11 -12.87
N GLU A 35 -4.33 -5.85 -12.12
CA GLU A 35 -5.61 -6.48 -12.45
C GLU A 35 -6.08 -6.05 -13.83
N ALA A 36 -5.81 -4.81 -14.21
CA ALA A 36 -6.16 -4.33 -15.55
C ALA A 36 -5.39 -5.13 -16.61
N GLY A 37 -4.08 -5.30 -16.40
CA GLY A 37 -3.27 -6.04 -17.35
C GLY A 37 -3.66 -7.50 -17.43
N ASN A 38 -4.06 -8.08 -16.31
CA ASN A 38 -4.53 -9.47 -16.33
C ASN A 38 -5.83 -9.58 -17.12
N GLU A 39 -6.72 -8.61 -16.96
CA GLU A 39 -8.05 -8.69 -17.58
C GLU A 39 -8.03 -8.36 -19.06
N GLU A 40 -7.06 -7.55 -19.49
CA GLU A 40 -6.92 -7.20 -20.89
C GLU A 40 -5.84 -8.00 -21.60
N ASN A 41 -5.18 -8.93 -20.92
CA ASN A 41 -4.11 -9.73 -21.49
C ASN A 41 -3.03 -8.84 -22.13
N SER A 42 -2.59 -7.85 -21.37
CA SER A 42 -1.68 -6.80 -21.82
C SER A 42 -0.35 -6.86 -21.07
N PRO A 43 0.78 -6.66 -21.73
CA PRO A 43 2.03 -6.40 -21.00
C PRO A 43 1.91 -5.13 -20.17
N LEU A 44 2.72 -5.06 -19.12
CA LEU A 44 2.71 -3.93 -18.20
C LEU A 44 4.08 -3.26 -18.15
N PHE A 45 4.11 -1.95 -18.32
CA PHE A 45 5.21 -1.13 -17.85
C PHE A 45 4.75 -0.43 -16.58
N ILE A 46 5.39 -0.75 -15.45
CA ILE A 46 5.12 -0.12 -14.17
C ILE A 46 6.22 0.91 -13.91
N GLN A 47 5.83 2.15 -13.57
CA GLN A 47 6.77 3.24 -13.37
C GLN A 47 6.70 3.77 -11.95
N ALA A 48 7.86 4.16 -11.42
CA ALA A 48 7.93 4.87 -10.14
C ALA A 48 8.84 6.07 -10.33
N SER A 49 8.30 7.25 -10.01
CA SER A 49 9.09 8.47 -9.98
C SER A 49 10.04 8.48 -8.78
N GLU A 50 11.00 9.42 -8.81
CA GLU A 50 11.87 9.59 -7.65
C GLU A 50 11.06 9.94 -6.40
N GLY A 51 10.02 10.75 -6.57
CA GLY A 51 9.18 11.10 -5.43
C GLY A 51 8.42 9.91 -4.89
N ALA A 52 7.91 9.05 -5.79
CA ALA A 52 7.24 7.83 -5.35
C ALA A 52 8.20 6.91 -4.61
N ILE A 53 9.43 6.82 -5.10
CA ILE A 53 10.46 6.01 -4.44
C ILE A 53 10.76 6.53 -3.04
N LYS A 54 10.83 7.86 -2.88
CA LYS A 54 11.05 8.43 -1.56
C LYS A 54 9.89 8.09 -0.62
N TYR A 55 8.66 8.14 -1.14
CA TYR A 55 7.47 7.87 -0.35
C TYR A 55 7.41 6.41 0.09
N MET A 56 7.62 5.48 -0.84
CA MET A 56 7.49 4.06 -0.54
C MET A 56 8.76 3.48 0.09
N GLY A 57 9.93 4.05 -0.25
CA GLY A 57 11.19 3.36 -0.06
C GLY A 57 11.45 2.46 -1.25
N ILE A 58 12.67 2.50 -1.80
CA ILE A 58 12.95 1.74 -3.01
C ILE A 58 12.81 0.23 -2.77
N ASP A 59 13.09 -0.23 -1.54
CA ASP A 59 12.94 -1.64 -1.20
C ASP A 59 11.48 -2.09 -1.27
N MET A 60 10.56 -1.22 -0.91
CA MET A 60 9.14 -1.56 -0.97
C MET A 60 8.60 -1.44 -2.38
N ALA A 61 9.07 -0.43 -3.13
CA ALA A 61 8.63 -0.29 -4.51
C ALA A 61 8.97 -1.53 -5.30
N VAL A 62 10.23 -1.98 -5.24
CA VAL A 62 10.63 -3.19 -5.94
C VAL A 62 9.93 -4.41 -5.35
N GLY A 63 9.89 -4.50 -4.02
CA GLY A 63 9.34 -5.68 -3.37
C GLY A 63 7.88 -5.91 -3.70
N MET A 64 7.07 -4.85 -3.65
CA MET A 64 5.66 -5.01 -4.01
C MET A 64 5.50 -5.46 -5.45
N VAL A 65 6.27 -4.88 -6.37
CA VAL A 65 6.16 -5.28 -7.77
C VAL A 65 6.54 -6.74 -7.96
N LYS A 66 7.61 -7.19 -7.29
CA LYS A 66 8.01 -8.58 -7.40
C LYS A 66 6.92 -9.54 -6.88
N ILE A 67 6.25 -9.17 -5.78
CA ILE A 67 5.12 -9.96 -5.30
C ILE A 67 4.00 -10.01 -6.34
N MET A 68 3.70 -8.87 -6.98
CA MET A 68 2.63 -8.82 -7.97
C MET A 68 2.99 -9.64 -9.21
N CYS A 69 4.25 -9.58 -9.65
N CYS A 69 4.26 -9.64 -9.63
CA CYS A 69 4.69 -10.40 -10.79
CA CYS A 69 4.59 -10.41 -10.83
C CYS A 69 4.49 -11.88 -10.51
C CYS A 69 4.58 -11.92 -10.54
N GLU A 70 4.81 -12.33 -9.30
CA GLU A 70 4.65 -13.74 -8.93
C GLU A 70 3.17 -14.12 -8.89
N ARG A 71 2.31 -13.17 -8.57
CA ARG A 71 0.87 -13.41 -8.56
C ARG A 71 0.31 -13.56 -9.97
N TYR A 72 0.93 -12.88 -10.95
CA TYR A 72 0.51 -12.93 -12.35
C TYR A 72 1.72 -13.24 -13.23
N PRO A 73 2.23 -14.47 -13.14
CA PRO A 73 3.52 -14.79 -13.79
C PRO A 73 3.47 -14.82 -15.31
N HIS A 74 2.29 -14.87 -15.91
CA HIS A 74 2.14 -14.87 -17.35
C HIS A 74 2.23 -13.47 -17.97
N ILE A 75 2.28 -12.41 -17.17
CA ILE A 75 2.23 -11.04 -17.69
C ILE A 75 3.67 -10.52 -17.81
N PRO A 76 4.11 -10.09 -18.98
CA PRO A 76 5.40 -9.39 -19.06
C PRO A 76 5.30 -8.05 -18.33
N VAL A 77 6.24 -7.83 -17.42
CA VAL A 77 6.27 -6.65 -16.56
C VAL A 77 7.67 -6.07 -16.56
N ALA A 78 7.77 -4.79 -16.87
CA ALA A 78 9.01 -4.03 -16.67
C ALA A 78 8.78 -3.01 -15.56
N LEU A 79 9.78 -2.85 -14.69
CA LEU A 79 9.74 -1.88 -13.61
C LEU A 79 10.74 -0.76 -13.93
N HIS A 80 10.22 0.47 -14.03
CA HIS A 80 10.93 1.57 -14.69
C HIS A 80 11.04 2.77 -13.75
N LEU A 81 12.26 3.30 -13.64
CA LEU A 81 12.50 4.56 -12.93
C LEU A 81 12.11 5.72 -13.84
N ASP A 82 11.06 6.43 -13.45
CA ASP A 82 10.53 7.56 -14.21
C ASP A 82 11.24 8.84 -13.81
N HIS A 83 11.79 9.54 -14.81
N HIS A 83 11.79 9.56 -14.78
N HIS A 83 11.79 9.55 -14.80
CA HIS A 83 12.47 10.83 -14.61
CA HIS A 83 12.44 10.85 -14.55
CA HIS A 83 12.45 10.84 -14.59
C HIS A 83 13.53 10.76 -13.52
C HIS A 83 13.53 10.76 -13.49
C HIS A 83 13.53 10.76 -13.50
N GLY A 84 14.45 9.81 -13.68
CA GLY A 84 15.68 9.85 -12.92
C GLY A 84 16.43 11.12 -13.23
N THR A 85 16.94 11.77 -12.20
CA THR A 85 17.56 13.08 -12.36
C THR A 85 19.07 13.07 -12.26
N THR A 86 19.68 11.98 -11.78
CA THR A 86 21.11 11.90 -11.65
C THR A 86 21.56 10.49 -11.95
N PHE A 87 22.85 10.36 -12.28
CA PHE A 87 23.44 9.05 -12.47
C PHE A 87 23.27 8.18 -11.22
N GLU A 88 23.49 8.78 -10.04
CA GLU A 88 23.44 8.01 -8.81
C GLU A 88 22.04 7.46 -8.55
N SER A 89 21.00 8.23 -8.89
CA SER A 89 19.63 7.74 -8.75
C SER A 89 19.39 6.53 -9.64
N CYS A 90 19.78 6.64 -10.91
CA CYS A 90 19.66 5.53 -11.84
C CYS A 90 20.42 4.31 -11.35
N GLU A 91 21.61 4.53 -10.80
CA GLU A 91 22.42 3.43 -10.31
C GLU A 91 21.76 2.74 -9.11
N LYS A 92 21.17 3.53 -8.21
CA LYS A 92 20.43 2.94 -7.08
C LYS A 92 19.27 2.10 -7.57
N ALA A 93 18.55 2.59 -8.59
CA ALA A 93 17.43 1.83 -9.12
C ALA A 93 17.90 0.52 -9.73
N VAL A 94 19.01 0.56 -10.47
CA VAL A 94 19.59 -0.66 -11.03
C VAL A 94 19.92 -1.64 -9.91
N LYS A 95 20.61 -1.15 -8.88
CA LYS A 95 21.01 -2.03 -7.78
C LYS A 95 19.79 -2.62 -7.06
N ALA A 96 18.72 -1.85 -6.93
CA ALA A 96 17.54 -2.32 -6.21
C ALA A 96 16.70 -3.33 -7.00
N GLY A 97 16.87 -3.42 -8.32
CA GLY A 97 16.15 -4.39 -9.13
C GLY A 97 15.24 -3.83 -10.21
N PHE A 98 15.28 -2.53 -10.45
CA PHE A 98 14.55 -2.00 -11.59
C PHE A 98 15.11 -2.59 -12.87
N THR A 99 14.25 -2.76 -13.87
CA THR A 99 14.64 -3.35 -15.14
C THR A 99 14.65 -2.34 -16.27
N SER A 100 14.33 -1.08 -15.97
CA SER A 100 14.40 0.03 -16.92
C SER A 100 14.63 1.30 -16.11
N VAL A 101 15.47 2.21 -16.61
CA VAL A 101 15.68 3.49 -15.94
C VAL A 101 15.66 4.61 -16.96
N MET A 102 15.03 5.72 -16.60
CA MET A 102 15.07 6.92 -17.42
C MET A 102 16.00 7.94 -16.78
N ILE A 103 16.92 8.46 -17.58
CA ILE A 103 17.73 9.60 -17.18
C ILE A 103 17.23 10.82 -17.94
N ASP A 104 16.78 11.84 -17.22
CA ASP A 104 16.26 13.04 -17.84
C ASP A 104 17.30 14.15 -17.73
N ALA A 105 18.04 14.38 -18.81
CA ALA A 105 19.00 15.47 -18.90
C ALA A 105 18.66 16.40 -20.07
N SER A 106 17.39 16.45 -20.45
CA SER A 106 16.96 17.21 -21.62
C SER A 106 17.07 18.71 -21.43
N HIS A 107 17.21 19.18 -20.19
CA HIS A 107 17.44 20.59 -19.93
C HIS A 107 18.90 20.99 -20.16
N HIS A 108 19.81 20.04 -20.29
CA HIS A 108 21.18 20.34 -20.67
C HIS A 108 21.30 20.51 -22.18
N ALA A 109 22.40 21.12 -22.59
CA ALA A 109 22.75 21.16 -23.99
C ALA A 109 23.03 19.74 -24.50
N PHE A 110 22.88 19.57 -25.82
CA PHE A 110 23.03 18.27 -26.46
C PHE A 110 24.23 17.49 -25.95
N GLU A 111 25.41 18.13 -25.94
CA GLU A 111 26.63 17.41 -25.62
C GLU A 111 26.59 16.87 -24.19
N GLU A 112 26.04 17.65 -23.27
CA GLU A 112 26.03 17.22 -21.88
C GLU A 112 24.95 16.17 -21.65
N ASN A 113 23.80 16.33 -22.28
CA ASN A 113 22.75 15.31 -22.24
C ASN A 113 23.28 13.99 -22.78
N LEU A 114 23.97 14.04 -23.92
CA LEU A 114 24.54 12.83 -24.50
C LEU A 114 25.56 12.18 -23.57
N GLU A 115 26.44 12.99 -22.95
CA GLU A 115 27.48 12.44 -22.08
C GLU A 115 26.86 11.72 -20.89
N LEU A 116 25.92 12.38 -20.21
CA LEU A 116 25.30 11.80 -19.03
C LEU A 116 24.49 10.56 -19.38
N THR A 117 23.69 10.64 -20.44
CA THR A 117 22.93 9.48 -20.92
C THR A 117 23.86 8.31 -21.22
N SER A 118 24.97 8.58 -21.91
CA SER A 118 25.90 7.50 -22.26
C SER A 118 26.47 6.85 -21.01
N LYS A 119 26.76 7.65 -19.98
CA LYS A 119 27.26 7.12 -18.72
C LYS A 119 26.24 6.19 -18.08
N VAL A 120 24.97 6.63 -18.04
CA VAL A 120 23.90 5.79 -17.51
C VAL A 120 23.76 4.52 -18.32
N VAL A 121 23.80 4.62 -19.66
CA VAL A 121 23.64 3.44 -20.51
C VAL A 121 24.74 2.42 -20.21
N LYS A 122 25.99 2.86 -20.11
CA LYS A 122 27.08 1.93 -19.84
C LYS A 122 26.83 1.16 -18.55
N MET A 123 26.45 1.88 -17.49
CA MET A 123 26.20 1.26 -16.20
C MET A 123 25.00 0.32 -16.26
N ALA A 124 23.91 0.79 -16.86
CA ALA A 124 22.68 0.00 -16.87
C ALA A 124 22.81 -1.23 -17.76
N HIS A 125 23.43 -1.07 -18.93
CA HIS A 125 23.59 -2.22 -19.82
C HIS A 125 24.49 -3.28 -19.20
N ASN A 126 25.51 -2.86 -18.46
CA ASN A 126 26.35 -3.84 -17.77
C ASN A 126 25.53 -4.69 -16.81
N ALA A 127 24.40 -4.15 -16.32
CA ALA A 127 23.54 -4.84 -15.37
C ALA A 127 22.31 -5.44 -16.02
N GLY A 128 22.20 -5.38 -17.34
CA GLY A 128 21.06 -5.93 -18.03
C GLY A 128 19.80 -5.12 -17.91
N VAL A 129 19.92 -3.80 -17.77
CA VAL A 129 18.81 -2.89 -17.57
C VAL A 129 18.72 -1.94 -18.76
N SER A 130 17.50 -1.69 -19.23
CA SER A 130 17.26 -0.82 -20.38
C SER A 130 17.20 0.64 -19.93
N VAL A 131 17.42 1.55 -20.87
CA VAL A 131 17.54 2.97 -20.57
C VAL A 131 16.69 3.81 -21.52
N GLU A 132 16.00 4.78 -20.94
CA GLU A 132 15.26 5.81 -21.64
C GLU A 132 15.94 7.16 -21.42
N ALA A 133 15.95 8.01 -22.44
CA ALA A 133 16.41 9.38 -22.31
C ALA A 133 15.42 10.32 -23.02
N GLU A 134 15.65 11.62 -22.89
CA GLU A 134 14.72 12.64 -23.37
C GLU A 134 15.48 13.71 -24.14
N LEU A 135 14.88 14.18 -25.24
CA LEU A 135 15.46 15.24 -26.06
C LEU A 135 14.39 16.23 -26.42
N GLY A 136 14.68 17.51 -26.25
CA GLY A 136 13.73 18.58 -26.46
C GLY A 136 13.16 19.11 -25.16
N ARG A 137 12.59 20.31 -25.24
CA ARG A 137 12.04 20.96 -24.06
C ARG A 137 10.64 21.50 -24.33
N VAL A 153 11.03 24.10 -26.44
CA VAL A 153 11.52 23.78 -27.77
C VAL A 153 11.31 22.29 -28.05
N LEU A 154 11.03 21.96 -29.31
CA LEU A 154 10.75 20.61 -29.71
C LEU A 154 12.01 19.91 -30.21
N VAL A 155 11.91 18.58 -30.32
CA VAL A 155 13.07 17.77 -30.67
C VAL A 155 13.57 18.15 -32.06
N ASN A 156 14.90 18.15 -32.21
CA ASN A 156 15.54 18.24 -33.51
C ASN A 156 15.75 16.82 -33.99
N PRO A 157 15.07 16.36 -35.04
CA PRO A 157 15.21 14.95 -35.44
C PRO A 157 16.62 14.55 -35.77
N LYS A 158 17.41 15.46 -36.36
CA LYS A 158 18.80 15.10 -36.64
C LYS A 158 19.63 14.96 -35.38
N GLU A 159 19.34 15.75 -34.34
CA GLU A 159 19.96 15.51 -33.04
C GLU A 159 19.54 14.14 -32.49
N ALA A 160 18.26 13.81 -32.62
CA ALA A 160 17.80 12.54 -32.10
C ALA A 160 18.53 11.38 -32.75
N GLU A 161 18.73 11.47 -34.07
CA GLU A 161 19.42 10.40 -34.79
C GLU A 161 20.83 10.20 -34.23
N GLN A 162 21.59 11.28 -34.08
CA GLN A 162 22.95 11.15 -33.59
C GLN A 162 22.98 10.72 -32.13
N PHE A 163 22.08 11.30 -31.34
CA PHE A 163 21.99 10.98 -29.91
C PHE A 163 21.77 9.49 -29.69
N VAL A 164 20.84 8.91 -30.44
CA VAL A 164 20.55 7.49 -30.28
C VAL A 164 21.73 6.65 -30.72
N LYS A 165 22.34 7.00 -31.86
CA LYS A 165 23.47 6.23 -32.37
C LYS A 165 24.62 6.25 -31.39
N GLU A 166 24.94 7.41 -30.82
CA GLU A 166 26.13 7.54 -30.00
C GLU A 166 25.90 7.06 -28.57
N SER A 167 24.70 7.25 -28.03
CA SER A 167 24.44 6.86 -26.64
C SER A 167 24.11 5.38 -26.50
N GLN A 168 23.56 4.76 -27.55
CA GLN A 168 23.06 3.39 -27.51
C GLN A 168 21.86 3.23 -26.56
N VAL A 169 21.15 4.33 -26.31
CA VAL A 169 19.95 4.29 -25.48
C VAL A 169 18.89 3.41 -26.15
N ASP A 170 18.09 2.73 -25.31
CA ASP A 170 17.12 1.76 -25.80
C ASP A 170 15.85 2.42 -26.31
N TYR A 171 15.41 3.49 -25.66
CA TYR A 171 14.23 4.21 -26.11
C TYR A 171 14.40 5.69 -25.80
N LEU A 172 13.70 6.52 -26.60
CA LEU A 172 13.84 7.97 -26.54
C LEU A 172 12.47 8.61 -26.40
N ALA A 173 12.39 9.61 -25.50
CA ALA A 173 11.24 10.48 -25.36
C ALA A 173 11.50 11.77 -26.13
N PRO A 174 10.99 11.92 -27.35
CA PRO A 174 11.18 13.18 -28.08
C PRO A 174 10.10 14.19 -27.77
N ALA A 175 10.48 15.43 -27.51
CA ALA A 175 9.49 16.47 -27.22
C ALA A 175 8.75 16.82 -28.50
N ILE A 176 7.44 16.60 -28.51
CA ILE A 176 6.62 16.92 -29.67
C ILE A 176 5.38 17.73 -29.28
N GLY A 177 5.31 18.20 -28.04
CA GLY A 177 4.24 19.09 -27.64
C GLY A 177 3.50 18.77 -26.35
N THR A 178 3.85 17.68 -25.67
CA THR A 178 3.15 17.35 -24.43
C THR A 178 3.87 17.98 -23.22
N SER A 179 3.19 17.90 -22.08
CA SER A 179 3.70 18.37 -20.80
C SER A 179 2.99 17.60 -19.70
N HIS A 180 3.59 17.60 -18.52
CA HIS A 180 3.06 16.81 -17.41
C HIS A 180 1.93 17.56 -16.71
N GLY A 181 1.02 16.79 -16.13
CA GLY A 181 -0.06 17.34 -15.33
C GLY A 181 -1.38 17.38 -16.08
N ALA A 182 -2.38 17.92 -15.40
CA ALA A 182 -3.74 18.01 -15.92
C ALA A 182 -3.95 19.22 -16.83
N PHE A 183 -2.95 20.08 -16.97
CA PHE A 183 -3.09 21.34 -17.71
C PHE A 183 -2.00 21.36 -18.77
N LYS A 184 -2.28 20.68 -19.89
CA LYS A 184 -1.30 20.52 -20.96
C LYS A 184 -1.41 21.55 -22.07
N PHE A 185 -2.62 22.03 -22.38
CA PHE A 185 -2.83 22.93 -23.51
C PHE A 185 -3.58 24.16 -23.03
N LYS A 186 -2.89 25.31 -23.03
CA LYS A 186 -3.55 26.58 -22.79
C LYS A 186 -4.65 26.84 -23.81
N GLY A 187 -4.57 26.20 -24.99
CA GLY A 187 -5.60 26.33 -26.00
C GLY A 187 -6.04 24.98 -26.54
N GLU A 188 -5.86 24.77 -27.85
CA GLU A 188 -6.25 23.52 -28.48
C GLU A 188 -5.09 22.53 -28.44
N PRO A 189 -5.38 21.26 -28.16
CA PRO A 189 -4.31 20.24 -28.18
C PRO A 189 -3.62 20.21 -29.54
N LYS A 190 -2.30 20.12 -29.52
CA LYS A 190 -1.52 20.15 -30.75
C LYS A 190 -0.21 19.39 -30.52
N LEU A 191 0.02 18.38 -31.35
CA LEU A 191 1.24 17.59 -31.31
C LEU A 191 1.85 17.55 -32.71
N ASP A 192 3.17 17.64 -32.77
CA ASP A 192 3.88 17.72 -34.05
C ASP A 192 4.13 16.31 -34.57
N PHE A 193 3.15 15.78 -35.30
CA PHE A 193 3.27 14.40 -35.77
C PHE A 193 4.27 14.27 -36.92
N GLU A 194 4.46 15.32 -37.71
CA GLU A 194 5.49 15.26 -38.75
C GLU A 194 6.87 15.09 -38.12
N ARG A 195 7.13 15.82 -37.03
CA ARG A 195 8.39 15.69 -36.32
C ARG A 195 8.54 14.28 -35.74
N LEU A 196 7.47 13.77 -35.12
CA LEU A 196 7.47 12.40 -34.60
C LEU A 196 7.87 11.40 -35.68
N GLN A 197 7.21 11.45 -36.83
CA GLN A 197 7.52 10.50 -37.90
C GLN A 197 8.97 10.61 -38.33
N GLU A 198 9.50 11.83 -38.40
CA GLU A 198 10.89 12.00 -38.78
C GLU A 198 11.83 11.39 -37.74
N VAL A 199 11.55 11.63 -36.45
CA VAL A 199 12.36 11.00 -35.40
C VAL A 199 12.33 9.48 -35.54
N LYS A 200 11.14 8.91 -35.73
CA LYS A 200 11.01 7.46 -35.83
C LYS A 200 11.80 6.93 -37.02
N ARG A 201 11.70 7.61 -38.15
CA ARG A 201 12.39 7.16 -39.36
C ARG A 201 13.91 7.17 -39.15
N LEU A 202 14.43 8.21 -38.50
CA LEU A 202 15.87 8.34 -38.35
C LEU A 202 16.44 7.48 -37.21
N THR A 203 15.66 7.18 -36.16
CA THR A 203 16.20 6.43 -35.02
C THR A 203 15.86 4.94 -35.08
N ASN A 204 14.69 4.58 -35.59
CA ASN A 204 14.28 3.19 -35.66
C ASN A 204 14.40 2.48 -34.31
N ILE A 205 14.00 3.17 -33.25
CA ILE A 205 13.92 2.57 -31.92
C ILE A 205 12.55 2.84 -31.34
N PRO A 206 12.18 2.16 -30.25
CA PRO A 206 10.92 2.51 -29.57
C PRO A 206 10.99 3.94 -29.04
N LEU A 207 9.88 4.65 -29.16
CA LEU A 207 9.78 6.03 -28.72
C LEU A 207 8.75 6.15 -27.59
N VAL A 208 8.89 7.21 -26.80
CA VAL A 208 8.16 7.37 -25.54
C VAL A 208 7.45 8.72 -25.58
N LEU A 209 6.17 8.71 -25.19
CA LEU A 209 5.39 9.93 -25.05
C LEU A 209 5.20 10.26 -23.57
N HIS A 210 5.71 11.40 -23.15
N HIS A 210 5.70 11.41 -23.15
N HIS A 210 5.70 11.41 -23.15
CA HIS A 210 5.49 11.87 -21.79
CA HIS A 210 5.50 11.87 -21.78
CA HIS A 210 5.49 11.86 -21.78
C HIS A 210 4.23 12.72 -21.72
C HIS A 210 4.30 12.80 -21.71
C HIS A 210 4.28 12.78 -21.71
N GLY A 211 3.72 12.88 -20.51
CA GLY A 211 2.56 13.72 -20.28
C GLY A 211 1.37 13.30 -21.13
N ALA A 212 1.06 12.02 -21.14
CA ALA A 212 0.13 11.45 -22.10
C ALA A 212 -1.25 11.16 -21.51
N SER A 213 -1.57 11.67 -20.33
CA SER A 213 -2.91 11.49 -19.80
C SER A 213 -3.93 12.22 -20.67
N ALA A 214 -5.13 11.65 -20.75
CA ALA A 214 -6.20 12.15 -21.61
C ALA A 214 -7.27 12.91 -20.85
N ILE A 215 -7.39 12.69 -19.55
CA ILE A 215 -8.55 13.14 -18.77
C ILE A 215 -9.84 12.81 -19.50
N PRO A 216 -10.22 11.52 -19.54
CA PRO A 216 -11.47 11.14 -20.20
C PRO A 216 -12.68 11.82 -19.57
N ASP A 217 -13.72 12.00 -20.39
CA ASP A 217 -14.92 12.71 -19.94
C ASP A 217 -15.56 12.05 -18.72
N ASN A 218 -15.57 10.71 -18.67
CA ASN A 218 -16.21 10.04 -17.55
C ASN A 218 -15.41 10.21 -16.27
N VAL A 219 -14.08 10.25 -16.40
CA VAL A 219 -13.21 10.48 -15.24
C VAL A 219 -13.39 11.92 -14.74
N ARG A 220 -13.40 12.88 -15.67
CA ARG A 220 -13.65 14.27 -15.30
C ARG A 220 -15.00 14.40 -14.61
N LYS A 221 -16.04 13.75 -15.16
CA LYS A 221 -17.36 13.87 -14.59
C LYS A 221 -17.41 13.29 -13.18
N SER A 222 -16.74 12.16 -12.96
CA SER A 222 -16.71 11.57 -11.64
C SER A 222 -16.03 12.51 -10.64
N TYR A 223 -14.91 13.11 -11.05
CA TYR A 223 -14.18 14.01 -10.15
C TYR A 223 -15.04 15.21 -9.79
N LEU A 224 -15.70 15.82 -10.77
CA LEU A 224 -16.53 16.99 -10.49
C LEU A 224 -17.76 16.63 -9.67
N ASP A 225 -18.42 15.51 -9.98
CA ASP A 225 -19.57 15.08 -9.18
C ASP A 225 -19.19 14.91 -7.71
N ALA A 226 -17.93 14.57 -7.43
CA ALA A 226 -17.46 14.39 -6.07
C ALA A 226 -17.01 15.68 -5.42
N GLY A 227 -17.28 16.82 -6.05
CA GLY A 227 -16.90 18.11 -5.50
C GLY A 227 -15.52 18.58 -5.89
N GLY A 228 -14.84 17.84 -6.77
CA GLY A 228 -13.52 18.24 -7.17
C GLY A 228 -13.52 19.38 -8.15
N ASP A 229 -12.35 20.01 -8.25
CA ASP A 229 -12.12 21.13 -9.16
C ASP A 229 -10.95 20.77 -10.06
N LEU A 230 -11.21 20.74 -11.36
CA LEU A 230 -10.16 20.53 -12.36
C LEU A 230 -9.97 21.87 -13.07
N LYS A 231 -9.03 22.65 -12.55
CA LYS A 231 -8.84 24.05 -12.93
C LYS A 231 -8.57 24.22 -14.43
N GLY A 232 -9.61 24.17 -15.25
CA GLY A 232 -9.44 24.37 -16.68
C GLY A 232 -8.53 23.34 -17.33
N SER A 233 -8.54 22.12 -16.84
CA SER A 233 -7.63 21.08 -17.30
C SER A 233 -7.96 20.65 -18.73
N LYS A 234 -6.96 20.09 -19.39
CA LYS A 234 -7.11 19.52 -20.73
C LYS A 234 -5.99 18.53 -20.93
N GLY A 235 -6.34 17.29 -21.28
CA GLY A 235 -5.37 16.27 -21.60
C GLY A 235 -5.22 16.07 -23.10
N VAL A 236 -4.48 15.02 -23.45
CA VAL A 236 -4.27 14.64 -24.85
C VAL A 236 -5.50 13.88 -25.34
N PRO A 237 -6.21 14.35 -26.37
CA PRO A 237 -7.37 13.60 -26.86
C PRO A 237 -7.01 12.17 -27.24
N PHE A 238 -7.98 11.26 -27.09
CA PHE A 238 -7.76 9.87 -27.48
C PHE A 238 -7.24 9.76 -28.90
N GLU A 239 -7.76 10.60 -29.80
CA GLU A 239 -7.35 10.53 -31.21
C GLU A 239 -5.89 10.87 -31.37
N PHE A 240 -5.38 11.81 -30.57
CA PHE A 240 -3.96 12.16 -30.61
C PHE A 240 -3.09 11.02 -30.10
N LEU A 241 -3.53 10.33 -29.04
CA LEU A 241 -2.78 9.17 -28.57
C LEU A 241 -2.71 8.11 -29.65
N GLN A 242 -3.83 7.84 -30.32
CA GLN A 242 -3.83 6.83 -31.37
C GLN A 242 -2.95 7.27 -32.54
N GLU A 243 -3.00 8.55 -32.91
CA GLU A 243 -2.12 9.04 -33.96
C GLU A 243 -0.66 8.98 -33.55
N SER A 244 -0.34 9.17 -32.26
N SER A 244 -0.37 9.20 -32.26
CA SER A 244 1.04 9.08 -31.84
CA SER A 244 1.00 9.09 -31.76
C SER A 244 1.55 7.65 -31.91
C SER A 244 1.52 7.66 -31.96
N VAL A 245 0.70 6.67 -31.60
CA VAL A 245 1.09 5.29 -31.79
C VAL A 245 1.28 5.00 -33.27
N LYS A 246 0.36 5.46 -34.12
CA LYS A 246 0.55 5.31 -35.55
C LYS A 246 1.87 5.91 -36.02
N GLY A 247 2.32 6.98 -35.37
CA GLY A 247 3.57 7.64 -35.70
C GLY A 247 4.81 6.99 -35.15
N GLY A 248 4.69 6.01 -34.27
CA GLY A 248 5.84 5.28 -33.76
C GLY A 248 6.05 5.36 -32.26
N ILE A 249 5.15 5.99 -31.51
CA ILE A 249 5.21 5.95 -30.04
C ILE A 249 4.87 4.55 -29.56
N ASN A 250 5.69 4.02 -28.64
CA ASN A 250 5.51 2.68 -28.13
C ASN A 250 5.37 2.61 -26.62
N LYS A 251 5.71 3.68 -25.90
CA LYS A 251 5.57 3.75 -24.45
C LYS A 251 4.84 5.04 -24.13
N VAL A 252 3.73 4.95 -23.40
CA VAL A 252 2.83 6.08 -23.20
C VAL A 252 2.67 6.30 -21.70
N ASN A 253 3.32 7.35 -21.18
CA ASN A 253 3.39 7.58 -19.73
C ASN A 253 2.07 8.13 -19.22
N THR A 254 1.47 7.45 -18.23
CA THR A 254 0.12 7.75 -17.77
C THR A 254 0.11 7.75 -16.26
N ASP A 255 -0.23 8.89 -15.65
CA ASP A 255 -0.23 9.03 -14.19
C ASP A 255 -1.44 9.86 -13.75
N THR A 256 -1.55 11.07 -14.29
CA THR A 256 -2.62 11.99 -13.90
C THR A 256 -4.00 11.34 -13.99
N ASP A 257 -4.30 10.69 -15.13
CA ASP A 257 -5.59 10.03 -15.30
C ASP A 257 -5.88 9.05 -14.16
N LEU A 258 -4.87 8.30 -13.73
CA LEU A 258 -5.06 7.33 -12.66
C LEU A 258 -5.37 8.02 -11.35
N ARG A 259 -4.66 9.11 -11.04
CA ARG A 259 -4.86 9.83 -9.79
C ARG A 259 -6.26 10.41 -9.71
N ILE A 260 -6.71 11.06 -10.79
CA ILE A 260 -8.01 11.72 -10.79
C ILE A 260 -9.12 10.70 -10.56
N ALA A 261 -9.08 9.58 -11.30
CA ALA A 261 -10.11 8.55 -11.16
C ALA A 261 -10.11 7.96 -9.76
N PHE A 262 -8.92 7.68 -9.22
CA PHE A 262 -8.81 7.14 -7.87
C PHE A 262 -9.38 8.11 -6.84
N ILE A 263 -8.89 9.36 -6.87
CA ILE A 263 -9.28 10.33 -5.84
C ILE A 263 -10.73 10.74 -5.99
N ALA A 264 -11.28 10.72 -7.21
CA ALA A 264 -12.72 10.98 -7.35
C ALA A 264 -13.53 10.05 -6.47
N GLU A 265 -13.17 8.77 -6.42
CA GLU A 265 -13.94 7.82 -5.62
C GLU A 265 -13.70 8.00 -4.13
N VAL A 266 -12.48 8.36 -3.74
CA VAL A 266 -12.20 8.66 -2.34
C VAL A 266 -13.06 9.82 -1.86
N ARG A 267 -13.11 10.90 -2.65
CA ARG A 267 -13.93 12.07 -2.32
C ARG A 267 -15.40 11.70 -2.24
N LYS A 268 -15.87 10.89 -3.19
CA LYS A 268 -17.26 10.45 -3.18
C LYS A 268 -17.60 9.73 -1.88
N VAL A 269 -16.76 8.78 -1.47
CA VAL A 269 -17.07 8.03 -0.25
C VAL A 269 -17.08 8.97 0.95
N ALA A 270 -16.12 9.88 1.02
CA ALA A 270 -16.09 10.83 2.13
C ALA A 270 -17.37 11.64 2.18
N ASN A 271 -17.87 12.05 1.00
CA ASN A 271 -19.05 12.92 0.93
C ASN A 271 -20.32 12.16 1.32
N GLU A 272 -20.46 10.91 0.90
CA GLU A 272 -21.72 10.21 1.04
C GLU A 272 -21.90 9.52 2.39
N ASP A 273 -20.85 9.40 3.21
CA ASP A 273 -21.01 8.81 4.55
C ASP A 273 -19.92 9.39 5.46
N LYS A 274 -20.31 10.35 6.28
CA LYS A 274 -19.37 11.05 7.16
C LYS A 274 -18.86 10.16 8.30
N SER A 275 -19.50 9.02 8.53
CA SER A 275 -19.07 8.09 9.56
C SER A 275 -18.22 6.95 9.02
N GLN A 276 -17.86 6.98 7.75
CA GLN A 276 -17.08 5.90 7.14
C GLN A 276 -15.60 6.13 7.40
N PHE A 277 -14.95 5.17 8.05
CA PHE A 277 -13.50 5.25 8.22
C PHE A 277 -12.81 3.91 7.97
N ASP A 278 -13.49 2.96 7.36
CA ASP A 278 -12.83 1.74 6.91
C ASP A 278 -12.07 2.08 5.63
N LEU A 279 -10.75 1.95 5.66
CA LEU A 279 -9.95 2.34 4.50
C LEU A 279 -10.38 1.59 3.25
N ARG A 280 -10.80 0.33 3.39
CA ARG A 280 -11.19 -0.48 2.24
C ARG A 280 -12.43 0.05 1.55
N LYS A 281 -13.33 0.68 2.31
CA LYS A 281 -14.53 1.25 1.71
C LYS A 281 -14.20 2.46 0.84
N PHE A 282 -13.13 3.18 1.17
CA PHE A 282 -12.66 4.24 0.28
C PHE A 282 -11.89 3.68 -0.91
N PHE A 283 -11.03 2.71 -0.70
CA PHE A 283 -10.02 2.37 -1.70
C PHE A 283 -10.41 1.23 -2.62
N SER A 284 -11.41 0.42 -2.25
CA SER A 284 -11.94 -0.57 -3.20
C SER A 284 -12.59 0.09 -4.39
N PRO A 285 -13.53 1.03 -4.23
CA PRO A 285 -14.07 1.72 -5.43
C PRO A 285 -13.01 2.53 -6.14
N ALA A 286 -12.05 3.07 -5.39
CA ALA A 286 -10.97 3.84 -6.03
C ALA A 286 -10.13 2.95 -6.93
N GLN A 287 -9.77 1.76 -6.45
CA GLN A 287 -9.05 0.80 -7.28
C GLN A 287 -9.84 0.47 -8.54
N LEU A 288 -11.14 0.20 -8.40
CA LEU A 288 -11.95 -0.18 -9.55
C LEU A 288 -11.92 0.91 -10.62
N ALA A 289 -12.10 2.17 -10.22
CA ALA A 289 -12.09 3.24 -11.21
C ALA A 289 -10.73 3.35 -11.88
N LEU A 290 -9.65 3.24 -11.10
CA LEU A 290 -8.31 3.29 -11.68
C LEU A 290 -8.12 2.13 -12.66
N LYS A 291 -8.49 0.92 -12.24
CA LYS A 291 -8.37 -0.26 -13.09
C LYS A 291 -9.07 -0.04 -14.42
N ASN A 292 -10.28 0.53 -14.40
CA ASN A 292 -11.03 0.71 -15.63
C ASN A 292 -10.36 1.71 -16.55
N VAL A 293 -9.77 2.77 -15.98
CA VAL A 293 -8.99 3.71 -16.81
C VAL A 293 -7.87 2.97 -17.52
N VAL A 294 -7.15 2.12 -16.79
CA VAL A 294 -6.03 1.40 -17.36
C VAL A 294 -6.50 0.43 -18.43
N LYS A 295 -7.56 -0.34 -18.15
CA LYS A 295 -8.07 -1.29 -19.14
C LYS A 295 -8.44 -0.59 -20.43
N GLU A 296 -9.17 0.53 -20.33
CA GLU A 296 -9.53 1.27 -21.53
C GLU A 296 -8.30 1.79 -22.26
N ARG A 297 -7.29 2.24 -21.52
CA ARG A 297 -6.09 2.77 -22.17
C ARG A 297 -5.31 1.66 -22.89
N MET A 298 -5.29 0.47 -22.31
CA MET A 298 -4.60 -0.64 -22.96
C MET A 298 -5.27 -0.99 -24.28
N LYS A 299 -6.61 -1.00 -24.31
CA LYS A 299 -7.33 -1.23 -25.55
C LYS A 299 -7.06 -0.12 -26.57
N LEU A 300 -7.11 1.13 -26.12
CA LEU A 300 -6.87 2.26 -27.02
C LEU A 300 -5.49 2.16 -27.67
N LEU A 301 -4.45 1.86 -26.88
CA LEU A 301 -3.08 1.88 -27.36
C LEU A 301 -2.69 0.64 -28.16
N GLY A 302 -3.50 -0.43 -28.07
CA GLY A 302 -3.24 -1.63 -28.83
C GLY A 302 -2.43 -2.69 -28.13
N SER A 303 -2.29 -2.61 -26.81
CA SER A 303 -1.55 -3.64 -26.07
C SER A 303 -2.45 -4.74 -25.54
N ALA A 304 -3.77 -4.56 -25.61
CA ALA A 304 -4.70 -5.60 -25.21
C ALA A 304 -4.51 -6.83 -26.09
N ASN A 305 -4.60 -8.00 -25.47
CA ASN A 305 -4.49 -9.30 -26.14
C ASN A 305 -3.15 -9.49 -26.84
N LYS A 306 -2.09 -8.88 -26.30
CA LYS A 306 -0.74 -9.03 -26.84
C LYS A 306 0.13 -9.96 -26.02
N ILE A 307 -0.38 -10.55 -24.95
CA ILE A 307 0.37 -11.58 -24.23
C ILE A 307 0.32 -12.89 -25.02
N MET B 1 13.56 -8.34 14.11
CA MET B 1 13.18 -9.19 12.95
C MET B 1 11.86 -9.89 13.26
N LEU B 2 11.41 -10.72 12.32
CA LEU B 2 10.11 -11.40 12.42
C LEU B 2 10.20 -12.65 13.29
N VAL B 3 9.42 -12.69 14.38
CA VAL B 3 9.57 -13.69 15.44
C VAL B 3 8.21 -14.24 15.83
N LYS B 4 8.24 -15.41 16.47
CA LYS B 4 7.02 -16.00 17.03
C LYS B 4 6.34 -15.02 17.96
N GLY B 5 5.00 -15.02 17.93
CA GLY B 5 4.26 -14.09 18.76
C GLY B 5 4.60 -14.25 20.22
N ASN B 6 4.78 -15.49 20.68
CA ASN B 6 5.03 -15.76 22.08
C ASN B 6 6.36 -15.18 22.53
N GLU B 7 7.35 -15.05 21.63
CA GLU B 7 8.60 -14.41 22.02
C GLU B 7 8.36 -13.02 22.57
N ILE B 8 7.55 -12.22 21.87
CA ILE B 8 7.23 -10.87 22.32
C ILE B 8 6.32 -10.91 23.54
N LEU B 9 5.29 -11.74 23.52
CA LEU B 9 4.30 -11.65 24.60
C LEU B 9 4.75 -12.33 25.89
N LEU B 10 5.61 -13.35 25.83
CA LEU B 10 6.11 -13.90 27.09
C LEU B 10 6.93 -12.87 27.84
N LYS B 11 7.76 -12.11 27.14
CA LYS B 11 8.51 -11.04 27.80
C LYS B 11 7.56 -10.03 28.44
N ALA B 12 6.54 -9.61 27.70
CA ALA B 12 5.58 -8.65 28.25
C ALA B 12 4.87 -9.23 29.47
N HIS B 13 4.48 -10.50 29.38
CA HIS B 13 3.85 -11.20 30.51
C HIS B 13 4.76 -11.19 31.73
N LYS B 14 6.02 -11.59 31.55
CA LYS B 14 6.95 -11.67 32.68
C LYS B 14 7.25 -10.32 33.30
N GLU B 15 7.33 -9.26 32.48
CA GLU B 15 7.72 -7.95 32.96
C GLU B 15 6.52 -7.04 33.24
N GLY B 16 5.32 -7.47 32.90
CA GLY B 16 4.11 -6.75 33.26
C GLY B 16 3.81 -5.52 32.44
N TYR B 17 3.98 -5.58 31.12
CA TYR B 17 3.59 -4.48 30.24
C TYR B 17 2.74 -5.02 29.10
N GLY B 18 2.13 -4.10 28.37
CA GLY B 18 1.26 -4.42 27.25
C GLY B 18 1.90 -4.02 25.94
N VAL B 19 1.66 -4.83 24.92
CA VAL B 19 2.16 -4.59 23.58
C VAL B 19 0.95 -4.35 22.69
N GLY B 20 0.89 -3.18 22.07
CA GLY B 20 -0.20 -2.93 21.15
C GLY B 20 -0.11 -3.87 19.97
N ALA B 21 -1.26 -4.36 19.54
CA ALA B 21 -1.39 -5.19 18.34
C ALA B 21 -2.17 -4.38 17.32
N PHE B 22 -1.48 -3.90 16.29
CA PHE B 22 -2.00 -2.85 15.44
C PHE B 22 -2.38 -3.47 14.09
N ASN B 23 -3.63 -3.29 13.70
CA ASN B 23 -4.11 -3.82 12.44
C ASN B 23 -3.62 -2.95 11.28
N PHE B 24 -3.48 -3.57 10.11
CA PHE B 24 -3.16 -2.83 8.90
C PHE B 24 -3.94 -3.44 7.75
N VAL B 25 -4.18 -2.62 6.72
CA VAL B 25 -4.83 -3.09 5.50
C VAL B 25 -4.04 -2.69 4.25
N ASN B 26 -3.00 -1.88 4.38
CA ASN B 26 -2.23 -1.45 3.21
C ASN B 26 -0.87 -0.93 3.64
N PHE B 27 -0.13 -0.37 2.67
CA PHE B 27 1.23 0.09 2.93
C PHE B 27 1.27 1.28 3.88
N GLU B 28 0.36 2.24 3.69
CA GLU B 28 0.39 3.45 4.51
C GLU B 28 0.23 3.13 5.99
N MET B 29 -0.72 2.27 6.33
CA MET B 29 -0.90 1.91 7.73
C MET B 29 0.33 1.19 8.25
N LEU B 30 0.86 0.26 7.46
CA LEU B 30 2.00 -0.53 7.91
C LEU B 30 3.22 0.34 8.13
N ASN B 31 3.49 1.26 7.21
CA ASN B 31 4.68 2.08 7.34
C ASN B 31 4.60 2.94 8.61
N ALA B 32 3.43 3.52 8.88
CA ALA B 32 3.25 4.37 10.05
C ALA B 32 3.41 3.59 11.34
N ILE B 33 2.89 2.37 11.39
CA ILE B 33 3.06 1.52 12.57
C ILE B 33 4.54 1.25 12.82
N PHE B 34 5.28 0.91 11.76
CA PHE B 34 6.70 0.59 11.92
C PHE B 34 7.51 1.81 12.34
N GLU B 35 7.26 2.97 11.74
CA GLU B 35 7.97 4.18 12.14
C GLU B 35 7.69 4.51 13.60
N ALA B 36 6.47 4.23 14.06
CA ALA B 36 6.15 4.45 15.47
C ALA B 36 6.99 3.55 16.36
N GLY B 37 7.05 2.25 16.01
CA GLY B 37 7.86 1.32 16.78
C GLY B 37 9.34 1.67 16.79
N ASN B 38 9.84 2.16 15.66
CA ASN B 38 11.23 2.58 15.60
C ASN B 38 11.48 3.78 16.49
N GLU B 39 10.54 4.73 16.50
CA GLU B 39 10.75 6.00 17.21
C GLU B 39 10.58 5.84 18.71
N GLU B 40 9.80 4.84 19.14
CA GLU B 40 9.57 4.59 20.56
C GLU B 40 10.38 3.42 21.08
N ASN B 41 11.20 2.79 20.25
CA ASN B 41 11.99 1.62 20.62
C ASN B 41 11.12 0.54 21.25
N SER B 42 10.05 0.18 20.55
CA SER B 42 9.02 -0.73 21.03
C SER B 42 8.91 -1.96 20.14
N PRO B 43 8.71 -3.16 20.71
CA PRO B 43 8.33 -4.32 19.89
C PRO B 43 7.03 -4.06 19.16
N LEU B 44 6.86 -4.75 18.03
CA LEU B 44 5.70 -4.61 17.17
C LEU B 44 4.94 -5.93 17.07
N PHE B 45 3.65 -5.90 17.37
CA PHE B 45 2.71 -6.94 16.96
C PHE B 45 1.86 -6.36 15.83
N ILE B 46 2.03 -6.91 14.62
CA ILE B 46 1.29 -6.47 13.44
C ILE B 46 0.18 -7.48 13.18
N GLN B 47 -1.05 -7.00 13.00
CA GLN B 47 -2.22 -7.86 12.84
C GLN B 47 -2.88 -7.64 11.50
N ALA B 48 -3.36 -8.71 10.89
CA ALA B 48 -4.24 -8.60 9.74
C ALA B 48 -5.45 -9.49 9.92
N SER B 49 -6.62 -8.89 9.78
CA SER B 49 -7.88 -9.61 9.79
C SER B 49 -8.04 -10.44 8.51
N GLU B 50 -9.02 -11.34 8.52
CA GLU B 50 -9.34 -12.10 7.32
C GLU B 50 -9.77 -11.15 6.21
N GLY B 51 -10.50 -10.09 6.55
CA GLY B 51 -10.92 -9.14 5.53
C GLY B 51 -9.74 -8.39 4.96
N ALA B 52 -8.78 -8.03 5.79
CA ALA B 52 -7.59 -7.35 5.29
C ALA B 52 -6.78 -8.27 4.38
N ILE B 53 -6.66 -9.54 4.75
CA ILE B 53 -5.96 -10.52 3.93
C ILE B 53 -6.64 -10.68 2.56
N LYS B 54 -7.98 -10.72 2.54
CA LYS B 54 -8.67 -10.80 1.25
C LYS B 54 -8.39 -9.56 0.41
N TYR B 55 -8.30 -8.39 1.05
CA TYR B 55 -8.09 -7.13 0.35
C TYR B 55 -6.67 -7.05 -0.23
N MET B 56 -5.66 -7.38 0.57
CA MET B 56 -4.26 -7.30 0.12
C MET B 56 -3.84 -8.53 -0.67
N GLY B 57 -4.40 -9.69 -0.35
CA GLY B 57 -3.81 -10.94 -0.76
C GLY B 57 -2.80 -11.37 0.28
N ILE B 58 -2.84 -12.63 0.73
CA ILE B 58 -1.98 -13.02 1.84
C ILE B 58 -0.51 -12.95 1.46
N ASP B 59 -0.21 -13.13 0.18
CA ASP B 59 1.16 -12.99 -0.31
C ASP B 59 1.67 -11.57 -0.13
N MET B 60 0.80 -10.59 -0.34
CA MET B 60 1.22 -9.19 -0.18
C MET B 60 1.26 -8.79 1.29
N ALA B 61 0.32 -9.28 2.09
CA ALA B 61 0.35 -9.00 3.51
C ALA B 61 1.66 -9.46 4.12
N VAL B 62 2.01 -10.72 3.91
CA VAL B 62 3.27 -11.22 4.47
C VAL B 62 4.45 -10.53 3.82
N GLY B 63 4.41 -10.35 2.49
CA GLY B 63 5.54 -9.77 1.79
C GLY B 63 5.89 -8.37 2.23
N MET B 64 4.87 -7.51 2.41
CA MET B 64 5.15 -6.16 2.86
C MET B 64 5.73 -6.16 4.26
N VAL B 65 5.23 -7.02 5.14
CA VAL B 65 5.77 -7.04 6.49
C VAL B 65 7.22 -7.52 6.51
N LYS B 66 7.55 -8.51 5.68
CA LYS B 66 8.94 -8.97 5.62
C LYS B 66 9.87 -7.87 5.11
N ILE B 67 9.42 -7.07 4.14
CA ILE B 67 10.23 -5.94 3.67
C ILE B 67 10.44 -4.93 4.81
N MET B 68 9.38 -4.64 5.56
CA MET B 68 9.48 -3.69 6.66
C MET B 68 10.39 -4.20 7.77
N CYS B 69 10.29 -5.50 8.10
N CYS B 69 10.35 -5.50 8.07
CA CYS B 69 11.20 -6.06 9.10
CA CYS B 69 11.22 -6.00 9.12
C CYS B 69 12.66 -5.90 8.68
C CYS B 69 12.68 -5.98 8.70
N GLU B 70 12.96 -6.14 7.40
CA GLU B 70 14.34 -6.00 6.93
C GLU B 70 14.79 -4.54 6.95
N ARG B 71 13.85 -3.61 6.79
CA ARG B 71 14.18 -2.19 6.89
C ARG B 71 14.50 -1.81 8.32
N TYR B 72 13.88 -2.48 9.30
CA TYR B 72 14.08 -2.19 10.73
C TYR B 72 14.42 -3.48 11.47
N PRO B 73 15.62 -4.03 11.23
CA PRO B 73 15.92 -5.39 11.73
C PRO B 73 16.11 -5.48 13.23
N HIS B 74 16.28 -4.37 13.94
CA HIS B 74 16.45 -4.37 15.38
C HIS B 74 15.11 -4.46 16.13
N ILE B 75 13.98 -4.38 15.44
CA ILE B 75 12.67 -4.35 16.08
C ILE B 75 12.10 -5.77 16.09
N PRO B 76 11.77 -6.35 17.25
CA PRO B 76 11.01 -7.61 17.25
C PRO B 76 9.63 -7.40 16.69
N VAL B 77 9.27 -8.21 15.70
CA VAL B 77 8.01 -8.08 14.99
C VAL B 77 7.35 -9.45 14.93
N ALA B 78 6.09 -9.52 15.33
CA ALA B 78 5.26 -10.69 15.09
C ALA B 78 4.14 -10.31 14.12
N LEU B 79 3.83 -11.21 13.20
CA LEU B 79 2.74 -11.03 12.24
C LEU B 79 1.63 -12.01 12.57
N HIS B 80 0.45 -11.48 12.87
CA HIS B 80 -0.61 -12.21 13.56
C HIS B 80 -1.90 -12.18 12.75
N LEU B 81 -2.53 -13.35 12.59
CA LEU B 81 -3.85 -13.45 11.99
C LEU B 81 -4.90 -13.12 13.05
N ASP B 82 -5.60 -12.02 12.84
CA ASP B 82 -6.59 -11.52 13.77
C ASP B 82 -7.95 -12.12 13.42
N HIS B 83 -8.59 -12.76 14.40
N HIS B 83 -8.60 -12.76 14.39
N HIS B 83 -8.58 -12.77 14.40
CA HIS B 83 -9.92 -13.36 14.27
CA HIS B 83 -9.94 -13.32 14.22
CA HIS B 83 -9.92 -13.34 14.25
C HIS B 83 -10.02 -14.31 13.07
C HIS B 83 -10.00 -14.30 13.04
C HIS B 83 -10.01 -14.30 13.05
N GLY B 84 -9.12 -15.28 13.05
CA GLY B 84 -9.29 -16.42 12.17
C GLY B 84 -10.57 -17.16 12.56
N THR B 85 -11.36 -17.52 11.56
CA THR B 85 -12.69 -18.09 11.79
C THR B 85 -12.76 -19.59 11.53
N THR B 86 -11.76 -20.17 10.89
CA THR B 86 -11.75 -21.59 10.58
C THR B 86 -10.33 -22.12 10.71
N PHE B 87 -10.23 -23.44 10.90
CA PHE B 87 -8.94 -24.09 10.89
C PHE B 87 -8.19 -23.80 9.60
N GLU B 88 -8.91 -23.89 8.47
CA GLU B 88 -8.28 -23.72 7.17
C GLU B 88 -7.68 -22.33 7.01
N SER B 89 -8.37 -21.30 7.51
CA SER B 89 -7.82 -19.94 7.46
C SER B 89 -6.51 -19.85 8.25
N CYS B 90 -6.50 -20.43 9.45
CA CYS B 90 -5.31 -20.41 10.28
C CYS B 90 -4.17 -21.17 9.62
N GLU B 91 -4.50 -22.30 8.97
CA GLU B 91 -3.49 -23.10 8.30
C GLU B 91 -2.90 -22.33 7.11
N LYS B 92 -3.75 -21.66 6.33
CA LYS B 92 -3.26 -20.83 5.22
C LYS B 92 -2.32 -19.75 5.73
N ALA B 93 -2.65 -19.14 6.86
CA ALA B 93 -1.78 -18.12 7.43
C ALA B 93 -0.45 -18.71 7.85
N VAL B 94 -0.47 -19.88 8.51
CA VAL B 94 0.77 -20.56 8.87
C VAL B 94 1.62 -20.79 7.62
N LYS B 95 1.01 -21.35 6.57
CA LYS B 95 1.74 -21.67 5.36
C LYS B 95 2.30 -20.42 4.68
N ALA B 96 1.61 -19.30 4.80
CA ALA B 96 2.07 -18.06 4.17
C ALA B 96 3.19 -17.36 4.92
N GLY B 97 3.40 -17.67 6.20
CA GLY B 97 4.49 -17.09 6.95
C GLY B 97 4.10 -16.24 8.15
N PHE B 98 2.83 -16.25 8.54
CA PHE B 98 2.43 -15.63 9.79
C PHE B 98 3.14 -16.31 10.95
N THR B 99 3.46 -15.54 12.00
CA THR B 99 4.13 -16.09 13.17
C THR B 99 3.22 -16.20 14.37
N SER B 100 1.95 -15.82 14.21
CA SER B 100 0.95 -15.94 15.25
C SER B 100 -0.40 -16.03 14.55
N VAL B 101 -1.29 -16.89 15.06
CA VAL B 101 -2.63 -16.98 14.52
C VAL B 101 -3.63 -17.02 15.67
N MET B 102 -4.77 -16.36 15.47
CA MET B 102 -5.88 -16.43 16.41
C MET B 102 -7.02 -17.21 15.78
N ILE B 103 -7.55 -18.16 16.53
CA ILE B 103 -8.77 -18.88 16.18
C ILE B 103 -9.86 -18.41 17.13
N ASP B 104 -10.93 -17.84 16.57
CA ASP B 104 -12.03 -17.34 17.38
C ASP B 104 -13.18 -18.34 17.26
N ALA B 105 -13.31 -19.19 18.27
CA ALA B 105 -14.43 -20.12 18.38
C ALA B 105 -15.22 -19.86 19.66
N SER B 106 -15.21 -18.62 20.14
CA SER B 106 -15.81 -18.28 21.42
C SER B 106 -17.33 -18.34 21.38
N HIS B 107 -17.92 -18.32 20.19
CA HIS B 107 -19.37 -18.45 20.05
C HIS B 107 -19.84 -19.89 20.16
N HIS B 108 -18.93 -20.85 20.22
CA HIS B 108 -19.26 -22.24 20.48
C HIS B 108 -19.25 -22.52 21.98
N ALA B 109 -19.88 -23.63 22.36
CA ALA B 109 -19.78 -24.10 23.72
C ALA B 109 -18.34 -24.48 24.03
N PHE B 110 -18.03 -24.55 25.33
CA PHE B 110 -16.67 -24.81 25.78
C PHE B 110 -16.03 -25.99 25.03
N GLU B 111 -16.72 -27.12 24.96
CA GLU B 111 -16.10 -28.31 24.41
C GLU B 111 -15.72 -28.12 22.96
N GLU B 112 -16.59 -27.48 22.18
CA GLU B 112 -16.31 -27.30 20.75
C GLU B 112 -15.24 -26.24 20.53
N ASN B 113 -15.26 -25.18 21.34
CA ASN B 113 -14.20 -24.18 21.30
C ASN B 113 -12.86 -24.81 21.63
N LEU B 114 -12.81 -25.64 22.67
CA LEU B 114 -11.58 -26.30 23.06
C LEU B 114 -11.09 -27.25 21.97
N GLU B 115 -12.01 -28.01 21.36
CA GLU B 115 -11.62 -28.97 20.34
C GLU B 115 -10.98 -28.27 19.14
N LEU B 116 -11.64 -27.24 18.63
CA LEU B 116 -11.13 -26.52 17.45
C LEU B 116 -9.83 -25.81 17.78
N THR B 117 -9.77 -25.14 18.93
CA THR B 117 -8.54 -24.46 19.33
C THR B 117 -7.38 -25.46 19.41
N SER B 118 -7.62 -26.62 20.01
CA SER B 118 -6.57 -27.63 20.15
C SER B 118 -6.08 -28.11 18.79
N LYS B 119 -7.00 -28.26 17.83
CA LYS B 119 -6.62 -28.62 16.47
C LYS B 119 -5.72 -27.56 15.87
N VAL B 120 -6.09 -26.29 16.02
CA VAL B 120 -5.26 -25.20 15.51
C VAL B 120 -3.90 -25.20 16.19
N VAL B 121 -3.87 -25.39 17.52
CA VAL B 121 -2.60 -25.33 18.25
C VAL B 121 -1.66 -26.42 17.78
N LYS B 122 -2.17 -27.64 17.60
CA LYS B 122 -1.32 -28.74 17.16
C LYS B 122 -0.69 -28.40 15.81
N MET B 123 -1.50 -27.90 14.88
CA MET B 123 -1.01 -27.53 13.57
C MET B 123 -0.01 -26.37 13.65
N ALA B 124 -0.37 -25.32 14.37
CA ALA B 124 0.49 -24.15 14.43
C ALA B 124 1.79 -24.46 15.18
N HIS B 125 1.70 -25.14 16.32
CA HIS B 125 2.91 -25.42 17.09
C HIS B 125 3.88 -26.27 16.30
N ASN B 126 3.37 -27.19 15.48
CA ASN B 126 4.24 -28.01 14.66
C ASN B 126 5.02 -27.17 13.67
N ALA B 127 4.51 -25.99 13.32
CA ALA B 127 5.17 -25.07 12.39
C ALA B 127 5.90 -23.94 13.09
N GLY B 128 6.00 -23.98 14.42
CA GLY B 128 6.67 -22.92 15.16
C GLY B 128 5.90 -21.63 15.23
N VAL B 129 4.57 -21.70 15.23
CA VAL B 129 3.70 -20.54 15.22
C VAL B 129 2.89 -20.51 16.51
N SER B 130 2.79 -19.33 17.12
CA SER B 130 2.03 -19.17 18.36
C SER B 130 0.54 -18.99 18.06
N VAL B 131 -0.30 -19.26 19.08
CA VAL B 131 -1.75 -19.30 18.91
C VAL B 131 -2.46 -18.52 20.01
N GLU B 132 -3.45 -17.73 19.61
CA GLU B 132 -4.38 -17.05 20.48
C GLU B 132 -5.77 -17.66 20.33
N ALA B 133 -6.53 -17.75 21.42
CA ALA B 133 -7.93 -18.13 21.37
C ALA B 133 -8.74 -17.18 22.27
N GLU B 134 -10.05 -17.34 22.24
CA GLU B 134 -10.98 -16.44 22.92
C GLU B 134 -12.01 -17.23 23.72
N LEU B 135 -12.33 -16.72 24.91
CA LEU B 135 -13.30 -17.38 25.78
C LEU B 135 -14.21 -16.33 26.39
N GLY B 136 -15.52 -16.57 26.32
CA GLY B 136 -16.50 -15.58 26.67
C GLY B 136 -17.08 -14.89 25.44
N ARG B 137 -18.28 -14.33 25.61
CA ARG B 137 -19.00 -13.73 24.49
C ARG B 137 -19.38 -12.28 24.74
N ALA B 152 -23.90 -10.09 26.29
CA ALA B 152 -22.70 -10.92 26.23
C ALA B 152 -22.36 -11.52 27.58
N VAL B 153 -21.82 -12.75 27.56
CA VAL B 153 -21.41 -13.45 28.78
C VAL B 153 -19.91 -13.30 28.94
N LEU B 154 -19.48 -13.00 30.16
CA LEU B 154 -18.08 -12.82 30.45
C LEU B 154 -17.41 -14.16 30.73
N VAL B 155 -16.08 -14.14 30.74
CA VAL B 155 -15.31 -15.37 30.87
C VAL B 155 -15.55 -16.00 32.23
N ASN B 156 -15.61 -17.33 32.25
CA ASN B 156 -15.59 -18.09 33.48
C ASN B 156 -14.13 -18.41 33.80
N PRO B 157 -13.54 -17.82 34.84
CA PRO B 157 -12.10 -18.05 35.07
C PRO B 157 -11.72 -19.51 35.20
N LYS B 158 -12.56 -20.33 35.83
CA LYS B 158 -12.22 -21.74 35.94
C LYS B 158 -12.25 -22.44 34.59
N GLU B 159 -13.16 -22.03 33.69
CA GLU B 159 -13.10 -22.51 32.31
C GLU B 159 -11.81 -22.06 31.63
N ALA B 160 -11.41 -20.81 31.83
CA ALA B 160 -10.16 -20.34 31.26
C ALA B 160 -9.00 -21.20 31.72
N GLU B 161 -8.97 -21.54 33.00
CA GLU B 161 -7.88 -22.35 33.52
C GLU B 161 -7.82 -23.69 32.81
N GLN B 162 -8.94 -24.40 32.72
CA GLN B 162 -8.92 -25.71 32.07
C GLN B 162 -8.65 -25.57 30.58
N PHE B 163 -9.27 -24.56 29.96
CA PHE B 163 -9.09 -24.34 28.52
C PHE B 163 -7.62 -24.18 28.18
N VAL B 164 -6.89 -23.35 28.94
CA VAL B 164 -5.48 -23.13 28.67
C VAL B 164 -4.67 -24.39 28.93
N LYS B 165 -5.00 -25.13 29.99
CA LYS B 165 -4.20 -26.31 30.32
C LYS B 165 -4.35 -27.37 29.25
N GLU B 166 -5.56 -27.55 28.73
CA GLU B 166 -5.83 -28.64 27.82
C GLU B 166 -5.45 -28.29 26.38
N SER B 167 -5.67 -27.05 25.96
CA SER B 167 -5.40 -26.64 24.59
C SER B 167 -3.93 -26.35 24.35
N GLN B 168 -3.20 -25.93 25.37
CA GLN B 168 -1.81 -25.47 25.22
C GLN B 168 -1.70 -24.19 24.40
N VAL B 169 -2.79 -23.42 24.31
CA VAL B 169 -2.77 -22.16 23.61
C VAL B 169 -1.77 -21.21 24.29
N ASP B 170 -1.13 -20.34 23.48
CA ASP B 170 -0.06 -19.49 24.00
C ASP B 170 -0.60 -18.24 24.69
N TYR B 171 -1.71 -17.70 24.21
CA TYR B 171 -2.31 -16.52 24.83
C TYR B 171 -3.82 -16.58 24.65
N LEU B 172 -4.53 -15.96 25.59
CA LEU B 172 -5.98 -16.05 25.67
C LEU B 172 -6.59 -14.67 25.73
N ALA B 173 -7.67 -14.48 24.98
CA ALA B 173 -8.48 -13.27 25.04
C ALA B 173 -9.72 -13.55 25.88
N PRO B 174 -9.74 -13.17 27.15
CA PRO B 174 -10.93 -13.43 27.98
C PRO B 174 -11.90 -12.26 27.90
N ALA B 175 -13.17 -12.57 27.76
CA ALA B 175 -14.19 -11.53 27.71
C ALA B 175 -14.34 -10.91 29.09
N ILE B 176 -14.05 -9.61 29.20
CA ILE B 176 -14.15 -8.90 30.46
C ILE B 176 -14.93 -7.59 30.31
N GLY B 177 -15.53 -7.37 29.13
CA GLY B 177 -16.41 -6.23 28.95
C GLY B 177 -16.16 -5.31 27.77
N THR B 178 -15.29 -5.68 26.83
CA THR B 178 -15.06 -4.87 25.64
C THR B 178 -15.80 -5.44 24.43
N SER B 179 -15.88 -4.61 23.39
CA SER B 179 -16.43 -5.01 22.10
C SER B 179 -15.74 -4.20 21.02
N HIS B 180 -15.93 -4.63 19.77
CA HIS B 180 -15.22 -4.04 18.64
C HIS B 180 -15.96 -2.84 18.08
N GLY B 181 -15.24 -2.06 17.28
CA GLY B 181 -15.80 -0.87 16.68
C GLY B 181 -15.64 0.35 17.53
N ALA B 182 -16.25 1.44 17.06
CA ALA B 182 -16.20 2.71 17.77
C ALA B 182 -17.19 2.76 18.92
N PHE B 183 -18.30 2.03 18.82
CA PHE B 183 -19.39 2.12 19.79
C PHE B 183 -19.25 0.94 20.75
N LYS B 184 -18.51 1.16 21.83
CA LYS B 184 -18.23 0.12 22.82
C LYS B 184 -19.14 0.18 24.03
N PHE B 185 -19.48 1.37 24.52
CA PHE B 185 -20.21 1.52 25.77
C PHE B 185 -21.46 2.36 25.54
N LYS B 186 -22.63 1.79 25.89
CA LYS B 186 -23.87 2.54 25.79
C LYS B 186 -23.95 3.66 26.81
N GLY B 187 -23.12 3.62 27.86
CA GLY B 187 -23.07 4.66 28.85
C GLY B 187 -21.66 4.97 29.30
N GLU B 188 -21.29 4.47 30.47
CA GLU B 188 -19.94 4.67 30.96
C GLU B 188 -19.11 3.40 30.79
N PRO B 189 -17.85 3.53 30.37
CA PRO B 189 -17.01 2.34 30.19
C PRO B 189 -16.91 1.53 31.47
N LYS B 190 -16.83 0.21 31.32
CA LYS B 190 -16.82 -0.68 32.48
C LYS B 190 -16.18 -2.00 32.09
N LEU B 191 -15.08 -2.36 32.76
CA LEU B 191 -14.39 -3.63 32.57
C LEU B 191 -14.29 -4.36 33.91
N ASP B 192 -14.36 -5.68 33.85
CA ASP B 192 -14.39 -6.49 35.07
C ASP B 192 -12.96 -6.87 35.44
N PHE B 193 -12.29 -5.99 36.18
CA PHE B 193 -10.89 -6.21 36.50
C PHE B 193 -10.69 -7.32 37.53
N GLU B 194 -11.69 -7.60 38.37
CA GLU B 194 -11.56 -8.74 39.28
C GLU B 194 -11.54 -10.05 38.51
N ARG B 195 -12.41 -10.17 37.50
CA ARG B 195 -12.42 -11.35 36.66
C ARG B 195 -11.10 -11.49 35.92
N LEU B 196 -10.58 -10.39 35.38
CA LEU B 196 -9.29 -10.40 34.71
C LEU B 196 -8.21 -10.96 35.63
N GLN B 197 -8.13 -10.44 36.86
CA GLN B 197 -7.07 -10.87 37.76
C GLN B 197 -7.19 -12.35 38.10
N GLU B 198 -8.42 -12.85 38.23
CA GLU B 198 -8.59 -14.27 38.50
C GLU B 198 -8.14 -15.11 37.31
N VAL B 199 -8.55 -14.72 36.10
CA VAL B 199 -8.07 -15.39 34.91
C VAL B 199 -6.55 -15.42 34.88
N LYS B 200 -5.92 -14.25 35.10
CA LYS B 200 -4.47 -14.17 35.05
C LYS B 200 -3.84 -15.11 36.05
N ARG B 201 -4.36 -15.12 37.28
CA ARG B 201 -3.77 -15.91 38.35
C ARG B 201 -3.86 -17.41 38.05
N LEU B 202 -4.99 -17.84 37.47
CA LEU B 202 -5.19 -19.26 37.19
C LEU B 202 -4.49 -19.74 35.93
N THR B 203 -4.34 -18.89 34.92
CA THR B 203 -3.73 -19.32 33.66
C THR B 203 -2.24 -19.06 33.58
N ASN B 204 -1.77 -17.95 34.15
CA ASN B 204 -0.34 -17.60 34.14
C ASN B 204 0.24 -17.63 32.73
N ILE B 205 -0.53 -17.11 31.78
CA ILE B 205 -0.04 -16.89 30.41
C ILE B 205 -0.33 -15.45 30.00
N PRO B 206 0.24 -14.97 28.90
CA PRO B 206 -0.13 -13.65 28.39
C PRO B 206 -1.60 -13.61 28.00
N LEU B 207 -2.26 -12.48 28.31
CA LEU B 207 -3.66 -12.29 28.02
C LEU B 207 -3.84 -11.16 27.02
N VAL B 208 -4.96 -11.19 26.30
CA VAL B 208 -5.24 -10.33 25.16
C VAL B 208 -6.53 -9.57 25.42
N LEU B 209 -6.51 -8.28 25.15
CA LEU B 209 -7.69 -7.43 25.23
C LEU B 209 -8.14 -7.09 23.81
N HIS B 210 -9.35 -7.51 23.47
N HIS B 210 -9.36 -7.48 23.47
N HIS B 210 -9.36 -7.49 23.47
CA HIS B 210 -9.96 -7.16 22.20
CA HIS B 210 -9.94 -7.13 22.19
CA HIS B 210 -9.94 -7.14 22.18
C HIS B 210 -10.75 -5.85 22.32
C HIS B 210 -10.81 -5.89 22.30
C HIS B 210 -10.81 -5.90 22.31
N GLY B 211 -11.00 -5.22 21.18
CA GLY B 211 -11.81 -4.01 21.15
C GLY B 211 -11.26 -2.94 22.06
N ALA B 212 -9.96 -2.68 21.98
CA ALA B 212 -9.25 -1.88 22.96
C ALA B 212 -8.94 -0.47 22.48
N SER B 213 -9.54 -0.01 21.39
CA SER B 213 -9.32 1.38 20.99
C SER B 213 -9.92 2.32 22.04
N ALA B 214 -9.28 3.48 22.16
CA ALA B 214 -9.64 4.48 23.16
C ALA B 214 -10.43 5.64 22.60
N ILE B 215 -10.33 5.86 21.30
CA ILE B 215 -10.82 7.07 20.62
C ILE B 215 -10.39 8.29 21.42
N PRO B 216 -9.12 8.66 21.38
CA PRO B 216 -8.65 9.82 22.15
C PRO B 216 -9.35 11.09 21.74
N ASP B 217 -9.34 12.06 22.66
CA ASP B 217 -10.03 13.33 22.44
C ASP B 217 -9.51 14.03 21.18
N ASN B 218 -8.18 14.06 21.01
CA ASN B 218 -7.61 14.77 19.88
C ASN B 218 -7.96 14.08 18.57
N VAL B 219 -8.03 12.74 18.58
CA VAL B 219 -8.40 12.02 17.37
C VAL B 219 -9.86 12.29 17.02
N ARG B 220 -10.74 12.24 18.03
CA ARG B 220 -12.14 12.58 17.82
C ARG B 220 -12.27 14.01 17.28
N LYS B 221 -11.52 14.94 17.87
CA LYS B 221 -11.61 16.34 17.45
C LYS B 221 -11.11 16.51 16.01
N SER B 222 -10.02 15.82 15.66
CA SER B 222 -9.52 15.88 14.29
C SER B 222 -10.57 15.36 13.31
N TYR B 223 -11.21 14.24 13.65
CA TYR B 223 -12.21 13.66 12.77
C TYR B 223 -13.42 14.57 12.62
N LEU B 224 -13.87 15.17 13.73
CA LEU B 224 -15.01 16.07 13.67
C LEU B 224 -14.66 17.36 12.93
N ASP B 225 -13.47 17.90 13.19
CA ASP B 225 -13.05 19.09 12.45
C ASP B 225 -13.08 18.85 10.94
N ALA B 226 -12.81 17.63 10.51
CA ALA B 226 -12.79 17.29 9.09
C ALA B 226 -14.17 16.94 8.53
N GLY B 227 -15.23 17.21 9.28
CA GLY B 227 -16.57 16.92 8.82
C GLY B 227 -17.06 15.52 9.07
N GLY B 228 -16.31 14.71 9.81
CA GLY B 228 -16.75 13.37 10.08
C GLY B 228 -17.81 13.29 11.17
N ASP B 229 -18.48 12.14 11.24
CA ASP B 229 -19.49 11.88 12.26
C ASP B 229 -19.14 10.58 12.97
N LEU B 230 -18.89 10.65 14.27
CA LEU B 230 -18.58 9.46 15.03
C LEU B 230 -19.78 8.89 15.79
N LYS B 231 -20.96 9.51 15.67
CA LYS B 231 -22.19 8.89 16.12
C LYS B 231 -22.18 8.58 17.61
N GLY B 232 -21.53 9.44 18.40
CA GLY B 232 -21.48 9.22 19.84
C GLY B 232 -20.69 8.00 20.25
N SER B 233 -19.61 7.70 19.54
CA SER B 233 -18.80 6.53 19.82
C SER B 233 -17.93 6.77 21.05
N LYS B 234 -17.70 5.70 21.81
CA LYS B 234 -16.89 5.77 23.03
C LYS B 234 -15.93 4.60 23.03
N GLY B 235 -14.65 4.88 23.29
CA GLY B 235 -13.64 3.87 23.44
C GLY B 235 -13.36 3.52 24.89
N VAL B 236 -12.31 2.72 25.09
CA VAL B 236 -11.85 2.38 26.42
C VAL B 236 -10.99 3.52 26.94
N PRO B 237 -11.33 4.15 28.07
CA PRO B 237 -10.49 5.24 28.57
C PRO B 237 -9.05 4.78 28.79
N PHE B 238 -8.10 5.70 28.60
CA PHE B 238 -6.70 5.41 28.86
C PHE B 238 -6.51 4.76 30.23
N GLU B 239 -7.26 5.23 31.24
CA GLU B 239 -7.07 4.71 32.60
C GLU B 239 -7.44 3.25 32.68
N PHE B 240 -8.48 2.85 31.93
CA PHE B 240 -8.88 1.45 31.89
C PHE B 240 -7.88 0.60 31.14
N LEU B 241 -7.24 1.15 30.10
CA LEU B 241 -6.19 0.39 29.42
C LEU B 241 -5.01 0.14 30.36
N GLN B 242 -4.61 1.16 31.12
CA GLN B 242 -3.50 0.99 32.06
C GLN B 242 -3.87 -0.01 33.15
N GLU B 243 -5.10 0.07 33.65
CA GLU B 243 -5.52 -0.88 34.69
C GLU B 243 -5.56 -2.30 34.13
N SER B 244 -5.93 -2.46 32.86
N SER B 244 -5.98 -2.45 32.88
CA SER B 244 -5.95 -3.79 32.25
CA SER B 244 -5.95 -3.77 32.25
C SER B 244 -4.55 -4.37 32.15
C SER B 244 -4.54 -4.34 32.26
N VAL B 245 -3.56 -3.53 31.82
CA VAL B 245 -2.18 -4.01 31.81
C VAL B 245 -1.74 -4.37 33.22
N LYS B 246 -2.13 -3.56 34.21
CA LYS B 246 -1.82 -3.89 35.60
C LYS B 246 -2.44 -5.22 36.01
N GLY B 247 -3.61 -5.55 35.47
CA GLY B 247 -4.27 -6.81 35.78
C GLY B 247 -3.78 -8.01 35.01
N GLY B 248 -2.95 -7.81 33.99
CA GLY B 248 -2.36 -8.94 33.29
C GLY B 248 -2.52 -8.98 31.78
N ILE B 249 -3.17 -7.98 31.18
CA ILE B 249 -3.24 -7.89 29.72
C ILE B 249 -1.87 -7.57 29.16
N ASN B 250 -1.46 -8.30 28.12
CA ASN B 250 -0.16 -8.13 27.50
C ASN B 250 -0.24 -7.84 26.02
N LYS B 251 -1.38 -8.10 25.39
CA LYS B 251 -1.59 -7.78 23.97
C LYS B 251 -2.88 -6.99 23.88
N VAL B 252 -2.82 -5.83 23.22
CA VAL B 252 -3.91 -4.86 23.25
C VAL B 252 -4.30 -4.55 21.80
N ASN B 253 -5.40 -5.14 21.34
CA ASN B 253 -5.77 -5.04 19.94
C ASN B 253 -6.28 -3.65 19.62
N THR B 254 -5.67 -3.00 18.63
CA THR B 254 -5.93 -1.61 18.33
C THR B 254 -6.07 -1.42 16.82
N ASP B 255 -7.26 -0.98 16.37
CA ASP B 255 -7.55 -0.84 14.94
C ASP B 255 -8.35 0.44 14.69
N THR B 256 -9.50 0.57 15.36
CA THR B 256 -10.39 1.71 15.13
C THR B 256 -9.69 3.05 15.29
N ASP B 257 -8.91 3.20 16.36
CA ASP B 257 -8.20 4.47 16.60
C ASP B 257 -7.35 4.85 15.40
N LEU B 258 -6.63 3.88 14.83
CA LEU B 258 -5.78 4.12 13.67
C LEU B 258 -6.59 4.56 12.47
N ARG B 259 -7.72 3.89 12.21
CA ARG B 259 -8.54 4.25 11.06
C ARG B 259 -9.08 5.67 11.19
N ILE B 260 -9.60 6.02 12.36
CA ILE B 260 -10.17 7.35 12.55
C ILE B 260 -9.11 8.41 12.35
N ALA B 261 -7.95 8.25 12.98
CA ALA B 261 -6.88 9.24 12.82
C ALA B 261 -6.47 9.38 11.37
N PHE B 262 -6.33 8.25 10.65
CA PHE B 262 -5.90 8.27 9.26
C PHE B 262 -6.94 8.97 8.39
N ILE B 263 -8.19 8.52 8.46
CA ILE B 263 -9.25 9.04 7.59
C ILE B 263 -9.56 10.49 7.92
N ALA B 264 -9.43 10.91 9.18
CA ALA B 264 -9.59 12.33 9.51
C ALA B 264 -8.70 13.20 8.62
N GLU B 265 -7.45 12.79 8.40
CA GLU B 265 -6.54 13.59 7.60
C GLU B 265 -6.92 13.52 6.12
N VAL B 266 -7.35 12.36 5.64
CA VAL B 266 -7.80 12.24 4.26
C VAL B 266 -8.97 13.18 4.01
N ARG B 267 -9.97 13.14 4.89
CA ARG B 267 -11.14 14.03 4.77
C ARG B 267 -10.71 15.50 4.78
N LYS B 268 -9.77 15.85 5.66
CA LYS B 268 -9.31 17.23 5.77
C LYS B 268 -8.68 17.71 4.47
N VAL B 269 -7.79 16.89 3.89
CA VAL B 269 -7.17 17.27 2.62
C VAL B 269 -8.23 17.46 1.54
N ALA B 270 -9.19 16.54 1.47
CA ALA B 270 -10.23 16.64 0.46
C ALA B 270 -11.02 17.93 0.62
N ASN B 271 -11.28 18.32 1.87
CA ASN B 271 -12.09 19.51 2.15
C ASN B 271 -11.35 20.79 1.81
N GLU B 272 -10.05 20.84 2.09
CA GLU B 272 -9.30 22.09 2.03
C GLU B 272 -8.72 22.39 0.66
N ASP B 273 -8.71 21.44 -0.28
CA ASP B 273 -8.21 21.70 -1.63
C ASP B 273 -8.94 20.77 -2.61
N LYS B 274 -9.97 21.30 -3.26
CA LYS B 274 -10.75 20.51 -4.20
C LYS B 274 -9.97 20.12 -5.44
N SER B 275 -8.83 20.76 -5.71
CA SER B 275 -8.04 20.42 -6.87
C SER B 275 -6.95 19.39 -6.56
N GLN B 276 -6.85 18.90 -5.33
CA GLN B 276 -5.76 18.02 -4.94
C GLN B 276 -6.11 16.58 -5.30
N PHE B 277 -5.27 15.96 -6.13
CA PHE B 277 -5.42 14.54 -6.43
C PHE B 277 -4.10 13.78 -6.38
N ASP B 278 -3.05 14.35 -5.78
CA ASP B 278 -1.84 13.60 -5.50
C ASP B 278 -2.09 12.74 -4.27
N LEU B 279 -2.07 11.41 -4.46
CA LEU B 279 -2.35 10.50 -3.36
C LEU B 279 -1.44 10.77 -2.17
N ARG B 280 -0.18 11.14 -2.42
CA ARG B 280 0.76 11.35 -1.34
C ARG B 280 0.38 12.54 -0.48
N LYS B 281 -0.27 13.55 -1.06
CA LYS B 281 -0.69 14.70 -0.28
C LYS B 281 -1.85 14.35 0.66
N PHE B 282 -2.63 13.33 0.34
CA PHE B 282 -3.63 12.82 1.27
C PHE B 282 -3.00 11.92 2.32
N PHE B 283 -2.10 11.03 1.92
CA PHE B 283 -1.72 9.93 2.80
C PHE B 283 -0.47 10.20 3.63
N SER B 284 0.34 11.21 3.28
CA SER B 284 1.43 11.61 4.17
C SER B 284 0.90 12.17 5.48
N PRO B 285 -0.03 13.13 5.50
CA PRO B 285 -0.56 13.55 6.81
C PRO B 285 -1.35 12.46 7.50
N ALA B 286 -1.99 11.57 6.75
CA ALA B 286 -2.72 10.47 7.38
C ALA B 286 -1.78 9.52 8.10
N GLN B 287 -0.67 9.17 7.45
CA GLN B 287 0.34 8.35 8.08
C GLN B 287 0.85 9.00 9.37
N LEU B 288 1.14 10.29 9.33
CA LEU B 288 1.66 10.98 10.51
C LEU B 288 0.67 10.90 11.66
N ALA B 289 -0.61 11.17 11.40
CA ALA B 289 -1.60 11.07 12.47
C ALA B 289 -1.68 9.65 13.02
N LEU B 290 -1.67 8.64 12.15
CA LEU B 290 -1.72 7.26 12.63
C LEU B 290 -0.47 6.94 13.45
N LYS B 291 0.70 7.33 12.94
CA LYS B 291 1.94 7.08 13.67
C LYS B 291 1.89 7.67 15.07
N ASN B 292 1.35 8.88 15.21
CA ASN B 292 1.33 9.52 16.52
C ASN B 292 0.39 8.79 17.48
N VAL B 293 -0.74 8.29 16.98
CA VAL B 293 -1.63 7.47 17.81
C VAL B 293 -0.88 6.25 18.34
N VAL B 294 -0.13 5.60 17.46
CA VAL B 294 0.59 4.38 17.83
C VAL B 294 1.68 4.70 18.85
N LYS B 295 2.46 5.76 18.61
CA LYS B 295 3.53 6.15 19.53
C LYS B 295 2.98 6.39 20.93
N GLU B 296 1.91 7.17 21.04
CA GLU B 296 1.32 7.44 22.34
C GLU B 296 0.81 6.15 22.98
N ARG B 297 0.24 5.25 22.17
CA ARG B 297 -0.29 4.01 22.74
C ARG B 297 0.84 3.12 23.24
N MET B 298 1.98 3.13 22.55
CA MET B 298 3.12 2.34 23.01
C MET B 298 3.62 2.84 24.35
N LYS B 299 3.69 4.16 24.54
CA LYS B 299 4.09 4.73 25.81
C LYS B 299 3.06 4.40 26.89
N LEU B 300 1.77 4.55 26.58
CA LEU B 300 0.73 4.27 27.56
C LEU B 300 0.81 2.85 28.08
N LEU B 301 0.97 1.90 27.17
CA LEU B 301 0.92 0.49 27.53
C LEU B 301 2.22 -0.02 28.13
N GLY B 302 3.32 0.71 27.98
CA GLY B 302 4.58 0.35 28.58
C GLY B 302 5.52 -0.44 27.70
N SER B 303 5.31 -0.45 26.39
CA SER B 303 6.26 -1.14 25.52
C SER B 303 7.35 -0.23 24.97
N ALA B 304 7.27 1.06 25.20
CA ALA B 304 8.34 1.95 24.73
C ALA B 304 9.63 1.64 25.47
N ASN B 305 10.74 1.74 24.74
CA ASN B 305 12.08 1.52 25.28
C ASN B 305 12.29 0.10 25.77
N LYS B 306 11.56 -0.86 25.21
CA LYS B 306 11.70 -2.25 25.62
C LYS B 306 12.50 -3.09 24.64
N ILE B 307 12.99 -2.50 23.56
CA ILE B 307 13.85 -3.22 22.63
C ILE B 307 15.24 -3.37 23.22
NA NA C . 9.84 7.79 -18.11
ZN ZN D . 9.56 14.55 -19.62
ZN ZN E . 8.43 13.50 -18.40
ZN ZN F . 7.37 12.36 -17.66
P1 P6F G . 0.60 12.67 -17.23
O1P P6F G . -0.08 11.42 -16.74
O2P P6F G . 0.05 13.17 -18.53
O3P P6F G . 0.81 13.74 -16.19
O1 P6F G . 2.10 12.18 -17.59
C1 P6F G . 2.84 11.37 -16.66
C2 P6F G . 4.32 11.35 -16.97
O2 P6F G . 4.77 11.73 -18.05
C3 P6F G . 5.25 10.76 -15.94
O3 P6F G . 6.47 10.41 -16.59
C4 P6F G . 5.50 11.79 -14.83
O4 P6F G . 6.88 12.17 -14.84
C5 P6F G . 5.11 11.31 -13.43
O5 P6F G . 3.69 11.16 -13.37
C6 P6F G . 5.54 12.29 -12.35
O6 P6F G . 5.25 11.75 -11.06
P2 P6F G . 5.69 12.48 -9.68
O4P P6F G . 4.60 13.49 -9.40
O5P P6F G . 5.72 11.34 -8.69
O6P P6F G . 7.04 13.07 -10.02
H1 P6F G . 2.69 11.76 -15.66
H1A P6F G . 2.45 10.35 -16.68
H3 P6F G . 4.78 9.88 -15.50
HO3 P6F G . 6.88 11.19 -16.97
H4 P6F G . 4.89 12.68 -15.05
HO4 P6F G . 7.42 11.40 -14.59
H5 P6F G . 5.59 10.34 -13.24
HO5 P6F G . 3.27 12.02 -13.52
H6 P6F G . 6.62 12.48 -12.43
H6A P6F G . 5.01 13.24 -12.48
NA NA H . -6.41 -11.27 17.78
ZN ZN I . -12.93 -10.97 19.88
ZN ZN J . -12.04 -9.60 18.74
ZN ZN K . -10.99 -8.49 18.03
P 13P L . -10.94 -1.75 18.17
O1P 13P L . -11.23 -1.35 19.60
O2P 13P L . -9.62 -1.21 17.70
O3P 13P L . -12.11 -1.57 17.23
O1 13P L . -10.77 -3.36 18.15
C1 13P L . -9.49 -3.99 18.03
C2 13P L . -9.67 -5.47 17.81
O2 13P L . -10.27 -6.19 18.62
C3 13P L . -8.85 -6.18 16.78
O3 13P L . -9.21 -7.55 16.94
H11 13P L . -8.95 -3.56 17.18
H12 13P L . -8.92 -3.81 18.93
H31 13P L . -9.09 -5.83 15.78
H32 13P L . -7.78 -6.05 16.97
HO3 13P L . -8.73 -8.09 16.30
O1 G3H M . -10.86 -8.47 13.88
O1 G3H M . -11.06 -7.46 15.70
C1 G3H M . -10.82 -7.35 14.37
C1 G3H M . -10.85 -7.68 14.53
C2 G3H M . -10.49 -6.19 13.46
C2 G3H M . -10.53 -6.56 13.58
O2 G3H M . -10.29 -4.97 14.18
O2 G3H M . -10.38 -5.30 14.26
C3 G3H M . -11.66 -5.99 12.52
C3 G3H M . -11.71 -6.40 12.64
O1P G3H M . -11.15 -5.77 11.22
O1P G3H M . -11.17 -5.80 11.47
O2P G3H M . -13.04 -5.01 9.87
O2P G3H M . -12.89 -4.86 10.01
O3P G3H M . -12.62 -7.48 10.25
O3P G3H M . -12.55 -7.38 10.16
O4P G3H M . -11.03 -6.13 8.80
O4P G3H M . -10.77 -5.91 9.09
P G3H M . -12.03 -6.13 9.93
P G3H M . -11.91 -6.01 10.07
H11 G3H M . -11.00 -7.16 15.42
H11 G3H M . -10.87 -8.69 14.13
H2 G3H M . -9.60 -6.43 12.87
H2 G3H M . -9.63 -6.79 13.00
HO2 G3H M . -11.09 -4.75 14.68
HO2 G3H M . -10.18 -4.62 13.61
H31 G3H M . -12.31 -6.87 12.52
H31 G3H M . -12.48 -5.76 13.08
H32 G3H M . -12.26 -5.13 12.83
H32 G3H M . -12.14 -7.37 12.41
#